data_2WV8
#
_entry.id   2WV8
#
_cell.length_a   90.660
_cell.length_b   90.660
_cell.length_c   122.840
_cell.angle_alpha   90.00
_cell.angle_beta   90.00
_cell.angle_gamma   120.00
#
_symmetry.space_group_name_H-M   'P 32 2 1'
#
loop_
_entity.id
_entity.type
_entity.pdbx_description
1 polymer 'DIHYDROOROTATE DEHYDROGENASE, MITOCHONDRIAL'
2 non-polymer 'FLAVIN MONONUCLEOTIDE'
3 non-polymer 'OROTIC ACID'
4 non-polymer '2-ACETAMIDO-5-(4-PHENYLPHENYL)BENZOIC ACID'
5 non-polymer DECYLAMINE-N,N-DIMETHYL-N-OXIDE
6 non-polymer 'ACETATE ION'
7 non-polymer 'SULFATE ION'
8 water water
#
_entity_poly.entity_id   1
_entity_poly.type   'polypeptide(L)'
_entity_poly.pdbx_seq_one_letter_code
;TGDERFYAEHLMPTLQGLLDPESAHRLAVRFTSLGLLPRARFQDSDMLEVRVLGHKFRNPVGIAAGFDKHGEAVDGLYKM
GFGFVEIGSVTPKPQEGNPRPRVFRLPEDQAVINRYGFNSHGLSVVEHRLRARQQKQAKLTEDGLPLGVNLGKNKTSVDA
AEDYAEGVRVLGPLADYLVVNVSSPNTAGLRSLQGKAELRRLLTKVLQERDGLRRVHRPAVLVKIAPDLTSQDKEDIASV
VKELGIDGLIVTNTTVSRPAGLQGALRSETGGLSGKPLRDLSTQTIREMYALTQGRVPIIGVGGVSSGQDALEKIRAGAS
LVQLYTALTFWGPPVVGKVKRELEALLKEQGFGGVTDAIGADHRR
;
_entity_poly.pdbx_strand_id   A
#
loop_
_chem_comp.id
_chem_comp.type
_chem_comp.name
_chem_comp.formula
ACT non-polymer 'ACETATE ION' 'C2 H3 O2 -1'
DDQ non-polymer DECYLAMINE-N,N-DIMETHYL-N-OXIDE 'C12 H27 N O'
FMN non-polymer 'FLAVIN MONONUCLEOTIDE' 'C17 H21 N4 O9 P'
ORO non-polymer 'OROTIC ACID' 'C5 H4 N2 O4'
SO4 non-polymer 'SULFATE ION' 'O4 S -2'
VGN non-polymer '2-ACETAMIDO-5-(4-PHENYLPHENYL)BENZOIC ACID' 'C21 H17 N O3'
#
# COMPACT_ATOMS: atom_id res chain seq x y z
N THR A 1 -22.23 12.60 8.50
CA THR A 1 -22.85 12.00 9.72
C THR A 1 -21.84 11.11 10.45
N GLY A 2 -20.81 10.68 9.74
CA GLY A 2 -19.79 9.84 10.33
C GLY A 2 -20.30 8.45 10.69
N ASP A 3 -21.16 7.90 9.85
CA ASP A 3 -21.74 6.59 10.09
C ASP A 3 -21.50 5.63 8.92
N GLU A 4 -21.06 4.42 9.25
CA GLU A 4 -20.77 3.39 8.25
C GLU A 4 -21.90 3.16 7.26
N ARG A 5 -23.10 2.94 7.77
CA ARG A 5 -24.26 2.69 6.93
C ARG A 5 -24.63 3.88 6.03
N PHE A 6 -24.58 5.09 6.59
CA PHE A 6 -24.93 6.28 5.83
C PHE A 6 -23.97 6.50 4.66
N TYR A 7 -22.68 6.28 4.89
CA TYR A 7 -21.70 6.46 3.83
C TYR A 7 -21.82 5.41 2.74
N ALA A 8 -21.96 4.16 3.15
CA ALA A 8 -22.06 3.05 2.20
C ALA A 8 -23.36 3.03 1.40
N GLU A 9 -24.47 3.38 2.03
CA GLU A 9 -25.76 3.36 1.36
C GLU A 9 -26.23 4.65 0.71
N HIS A 10 -25.74 5.80 1.18
CA HIS A 10 -26.20 7.06 0.60
C HIS A 10 -25.13 8.02 0.09
N LEU A 11 -24.25 8.47 0.98
CA LEU A 11 -23.23 9.43 0.59
C LEU A 11 -22.32 8.98 -0.55
N MET A 12 -21.67 7.83 -0.38
CA MET A 12 -20.77 7.34 -1.42
C MET A 12 -21.49 7.04 -2.74
N PRO A 13 -22.61 6.30 -2.70
CA PRO A 13 -23.31 6.00 -3.94
C PRO A 13 -23.68 7.28 -4.69
N THR A 14 -24.14 8.28 -3.95
CA THR A 14 -24.53 9.56 -4.55
C THR A 14 -23.31 10.26 -5.16
N LEU A 15 -22.22 10.28 -4.41
CA LEU A 15 -20.99 10.91 -4.88
C LEU A 15 -20.50 10.28 -6.17
N GLN A 16 -20.50 8.95 -6.22
CA GLN A 16 -20.04 8.23 -7.41
C GLN A 16 -20.98 8.44 -8.59
N GLY A 17 -22.22 8.82 -8.29
CA GLY A 17 -23.17 9.05 -9.35
C GLY A 17 -22.99 10.44 -9.97
N LEU A 18 -22.32 11.31 -9.24
CA LEU A 18 -22.08 12.67 -9.71
C LEU A 18 -20.68 12.91 -10.26
N LEU A 19 -19.71 12.17 -9.76
CA LEU A 19 -18.32 12.34 -10.19
C LEU A 19 -17.67 11.06 -10.68
N ASP A 20 -16.82 11.20 -11.70
CA ASP A 20 -16.09 10.06 -12.24
C ASP A 20 -15.06 9.73 -11.15
N PRO A 21 -14.50 8.51 -11.18
CA PRO A 21 -13.52 8.15 -10.15
C PRO A 21 -12.30 9.06 -9.92
N GLU A 22 -11.68 9.55 -10.98
CA GLU A 22 -10.52 10.42 -10.76
C GLU A 22 -10.93 11.73 -10.08
N SER A 23 -12.07 12.30 -10.49
CA SER A 23 -12.53 13.54 -9.88
C SER A 23 -12.88 13.32 -8.41
N ALA A 24 -13.52 12.21 -8.12
CA ALA A 24 -13.89 11.88 -6.75
C ALA A 24 -12.62 11.72 -5.93
N HIS A 25 -11.60 11.11 -6.55
N HIS A 25 -11.60 11.12 -6.56
CA HIS A 25 -10.32 10.91 -5.88
CA HIS A 25 -10.31 10.91 -5.90
C HIS A 25 -9.66 12.24 -5.52
C HIS A 25 -9.65 12.24 -5.53
N ARG A 26 -9.56 13.14 -6.49
CA ARG A 26 -8.95 14.45 -6.26
C ARG A 26 -9.71 15.20 -5.17
N LEU A 27 -11.03 15.11 -5.21
CA LEU A 27 -11.87 15.79 -4.22
C LEU A 27 -11.61 15.18 -2.83
N ALA A 28 -11.49 13.86 -2.78
CA ALA A 28 -11.24 13.18 -1.51
C ALA A 28 -9.90 13.58 -0.91
N VAL A 29 -8.87 13.70 -1.75
CA VAL A 29 -7.57 14.09 -1.26
C VAL A 29 -7.66 15.50 -0.65
N ARG A 30 -8.41 16.37 -1.32
CA ARG A 30 -8.59 17.73 -0.82
C ARG A 30 -9.22 17.77 0.56
N PHE A 31 -10.37 17.12 0.71
CA PHE A 31 -11.06 17.09 1.99
C PHE A 31 -10.21 16.45 3.08
N THR A 32 -9.52 15.37 2.72
CA THR A 32 -8.69 14.67 3.68
C THR A 32 -7.52 15.55 4.14
N SER A 33 -6.89 16.24 3.20
CA SER A 33 -5.77 17.11 3.53
C SER A 33 -6.20 18.21 4.49
N LEU A 34 -7.47 18.59 4.44
CA LEU A 34 -8.00 19.65 5.30
C LEU A 34 -8.58 19.11 6.61
N GLY A 35 -8.55 17.79 6.78
CA GLY A 35 -9.07 17.20 7.99
C GLY A 35 -10.58 17.23 8.10
N LEU A 36 -11.26 17.43 6.97
CA LEU A 36 -12.72 17.46 6.94
C LEU A 36 -13.21 16.03 6.83
N LEU A 37 -13.18 15.32 7.94
CA LEU A 37 -13.57 13.91 7.97
C LEU A 37 -14.60 13.63 9.06
N PRO A 38 -15.33 12.52 8.93
CA PRO A 38 -16.33 12.16 9.93
C PRO A 38 -15.60 11.63 11.16
N ARG A 39 -16.25 11.67 12.32
CA ARG A 39 -15.66 11.20 13.56
C ARG A 39 -14.85 9.91 13.42
N ALA A 40 -13.74 9.84 14.15
CA ALA A 40 -12.90 8.64 14.13
C ALA A 40 -13.52 7.67 15.13
N ARG A 41 -13.77 8.18 16.33
CA ARG A 41 -14.38 7.43 17.41
C ARG A 41 -13.62 6.19 17.88
N PHE A 42 -13.50 5.19 17.00
CA PHE A 42 -12.80 3.96 17.37
C PHE A 42 -11.46 4.24 18.05
N GLN A 43 -11.29 3.66 19.23
CA GLN A 43 -10.06 3.82 19.99
C GLN A 43 -9.18 2.58 19.82
N ASP A 44 -8.00 2.78 19.24
CA ASP A 44 -7.07 1.68 19.04
C ASP A 44 -6.69 1.06 20.38
N SER A 45 -6.89 -0.25 20.51
CA SER A 45 -6.56 -0.95 21.73
C SER A 45 -5.15 -1.52 21.61
N ASP A 46 -4.57 -1.91 22.75
CA ASP A 46 -3.23 -2.48 22.75
C ASP A 46 -3.14 -3.73 21.87
N MET A 47 -4.28 -4.40 21.70
CA MET A 47 -4.36 -5.61 20.89
C MET A 47 -3.94 -5.42 19.45
N LEU A 48 -4.15 -4.21 18.93
CA LEU A 48 -3.83 -3.92 17.52
C LEU A 48 -2.42 -3.43 17.29
N GLU A 49 -1.68 -3.19 18.37
CA GLU A 49 -0.31 -2.70 18.26
C GLU A 49 0.64 -3.75 17.69
N VAL A 50 1.50 -3.32 16.77
CA VAL A 50 2.47 -4.21 16.15
C VAL A 50 3.84 -3.57 16.10
N ARG A 51 4.87 -4.35 16.41
CA ARG A 51 6.25 -3.89 16.38
C ARG A 51 6.96 -4.61 15.24
N VAL A 52 7.32 -3.88 14.19
CA VAL A 52 8.00 -4.49 13.05
C VAL A 52 8.73 -3.41 12.24
N LEU A 53 9.68 -3.83 11.42
CA LEU A 53 10.44 -2.92 10.59
C LEU A 53 11.14 -1.82 11.41
N GLY A 54 11.40 -2.13 12.69
CA GLY A 54 12.07 -1.17 13.55
C GLY A 54 11.17 -0.06 14.07
N HIS A 55 9.87 -0.29 14.01
CA HIS A 55 8.91 0.70 14.47
C HIS A 55 7.68 0.10 15.14
N LYS A 56 6.98 0.96 15.87
CA LYS A 56 5.76 0.56 16.56
C LYS A 56 4.62 1.09 15.70
N PHE A 57 3.61 0.26 15.49
CA PHE A 57 2.44 0.66 14.72
C PHE A 57 1.22 0.59 15.64
N ARG A 58 0.57 1.72 15.86
CA ARG A 58 -0.61 1.79 16.74
C ARG A 58 -1.64 0.75 16.35
N ASN A 59 -1.84 0.58 15.04
CA ASN A 59 -2.76 -0.43 14.53
C ASN A 59 -2.16 -0.90 13.21
N PRO A 60 -2.52 -2.11 12.76
CA PRO A 60 -1.99 -2.68 11.51
C PRO A 60 -2.65 -2.31 10.19
N VAL A 61 -3.55 -1.32 10.21
CA VAL A 61 -4.26 -0.93 9.00
C VAL A 61 -3.75 0.37 8.39
N GLY A 62 -3.10 0.26 7.24
CA GLY A 62 -2.57 1.44 6.57
C GLY A 62 -3.23 1.73 5.25
N ILE A 63 -3.00 2.93 4.72
CA ILE A 63 -3.55 3.33 3.43
C ILE A 63 -2.49 2.95 2.40
N ALA A 64 -2.88 2.15 1.41
CA ALA A 64 -1.96 1.71 0.36
C ALA A 64 -1.51 2.85 -0.55
N ALA A 65 -0.39 2.63 -1.22
CA ALA A 65 0.14 3.62 -2.15
C ALA A 65 -0.86 3.88 -3.26
N GLY A 66 -0.84 5.09 -3.80
CA GLY A 66 -1.75 5.42 -4.88
C GLY A 66 -2.84 6.41 -4.52
N PHE A 67 -3.26 6.41 -3.25
CA PHE A 67 -4.30 7.34 -2.85
C PHE A 67 -3.68 8.72 -2.67
N ASP A 68 -2.57 8.76 -1.93
CA ASP A 68 -1.86 10.03 -1.71
C ASP A 68 -0.53 9.89 -2.44
N LYS A 69 -0.58 10.06 -3.75
CA LYS A 69 0.60 9.92 -4.59
C LYS A 69 1.70 10.96 -4.34
N HIS A 70 1.30 12.16 -3.96
CA HIS A 70 2.26 13.24 -3.77
C HIS A 70 2.45 13.73 -2.33
N GLY A 71 1.99 12.94 -1.36
CA GLY A 71 2.15 13.30 0.04
C GLY A 71 1.42 14.58 0.46
N GLU A 72 0.19 14.73 0.00
CA GLU A 72 -0.61 15.92 0.30
C GLU A 72 -1.62 15.76 1.44
N ALA A 73 -1.90 14.54 1.86
CA ALA A 73 -2.91 14.33 2.89
C ALA A 73 -2.48 13.39 4.01
N VAL A 74 -1.19 13.32 4.27
CA VAL A 74 -0.67 12.41 5.30
C VAL A 74 -1.34 12.58 6.67
N ASP A 75 -1.35 13.81 7.19
CA ASP A 75 -1.94 14.04 8.49
C ASP A 75 -3.43 13.73 8.52
N GLY A 76 -4.13 14.06 7.44
CA GLY A 76 -5.55 13.78 7.37
C GLY A 76 -5.82 12.29 7.36
N LEU A 77 -4.89 11.52 6.78
CA LEU A 77 -5.04 10.08 6.72
C LEU A 77 -4.85 9.46 8.10
N TYR A 78 -3.95 10.00 8.91
CA TYR A 78 -3.77 9.49 10.27
C TYR A 78 -5.04 9.79 11.04
N LYS A 79 -5.62 10.97 10.78
CA LYS A 79 -6.85 11.37 11.45
C LYS A 79 -7.99 10.42 11.07
N MET A 80 -7.94 9.89 9.86
CA MET A 80 -8.96 8.97 9.38
C MET A 80 -8.89 7.64 10.14
N GLY A 81 -7.77 7.39 10.80
CA GLY A 81 -7.64 6.15 11.56
C GLY A 81 -6.58 5.17 11.13
N PHE A 82 -5.89 5.44 10.03
CA PHE A 82 -4.85 4.53 9.57
C PHE A 82 -3.68 4.46 10.53
N GLY A 83 -3.17 3.25 10.74
CA GLY A 83 -2.05 3.03 11.65
C GLY A 83 -0.73 3.48 11.04
N PHE A 84 -0.71 3.58 9.71
CA PHE A 84 0.47 4.05 9.01
C PHE A 84 0.05 4.52 7.63
N VAL A 85 0.84 5.43 7.06
CA VAL A 85 0.55 5.99 5.76
C VAL A 85 1.70 5.75 4.82
N GLU A 86 1.37 5.31 3.60
CA GLU A 86 2.39 5.09 2.58
C GLU A 86 2.03 6.04 1.46
N ILE A 87 2.95 6.95 1.13
CA ILE A 87 2.62 7.87 0.08
C ILE A 87 3.07 7.48 -1.30
N GLY A 88 2.25 7.99 -2.21
CA GLY A 88 2.33 7.86 -3.64
C GLY A 88 2.84 6.70 -4.45
N SER A 89 4.03 6.96 -4.95
CA SER A 89 4.84 6.16 -5.82
C SER A 89 5.26 7.44 -6.50
N VAL A 90 6.45 7.89 -6.13
CA VAL A 90 7.00 9.13 -6.63
C VAL A 90 8.09 8.81 -7.64
N THR A 91 8.11 9.54 -8.74
CA THR A 91 9.11 9.33 -9.77
C THR A 91 10.13 10.46 -9.63
N PRO A 92 11.38 10.24 -10.08
CA PRO A 92 12.42 11.29 -9.97
C PRO A 92 11.97 12.64 -10.49
N LYS A 93 11.58 12.70 -11.76
CA LYS A 93 11.13 13.94 -12.36
C LYS A 93 9.61 13.93 -12.44
N PRO A 94 8.98 15.11 -12.49
CA PRO A 94 7.52 15.15 -12.58
C PRO A 94 7.09 14.56 -13.92
N GLN A 95 5.91 13.95 -13.96
CA GLN A 95 5.36 13.41 -15.20
C GLN A 95 3.85 13.34 -15.03
N GLU A 96 3.11 13.58 -16.12
CA GLU A 96 1.66 13.62 -16.08
C GLU A 96 0.89 12.29 -16.04
N GLY A 97 1.52 11.21 -16.48
CA GLY A 97 0.81 9.94 -16.49
C GLY A 97 0.04 9.78 -17.79
N ASN A 98 -0.88 8.83 -17.85
CA ASN A 98 -1.67 8.59 -19.07
C ASN A 98 -2.83 9.57 -19.24
N PRO A 99 -3.33 9.69 -20.48
CA PRO A 99 -4.47 10.59 -20.74
C PRO A 99 -5.73 10.06 -20.07
N ARG A 100 -6.68 10.95 -19.79
CA ARG A 100 -7.94 10.57 -19.15
C ARG A 100 -9.02 10.22 -20.17
N PRO A 101 -9.96 9.33 -19.80
CA PRO A 101 -10.04 8.66 -18.50
C PRO A 101 -8.98 7.58 -18.34
N ARG A 102 -8.52 7.37 -17.11
CA ARG A 102 -7.48 6.39 -16.83
C ARG A 102 -7.73 5.56 -15.58
N VAL A 103 -8.96 5.62 -15.08
CA VAL A 103 -9.36 4.85 -13.92
C VAL A 103 -10.86 4.57 -14.09
N PHE A 104 -11.28 3.36 -13.74
CA PHE A 104 -12.67 2.98 -13.93
C PHE A 104 -13.24 2.17 -12.78
N ARG A 105 -14.51 2.39 -12.47
CA ARG A 105 -15.17 1.66 -11.39
C ARG A 105 -15.91 0.45 -11.95
N LEU A 106 -15.91 -0.64 -11.17
CA LEU A 106 -16.62 -1.86 -11.50
C LEU A 106 -17.46 -2.09 -10.25
N PRO A 107 -18.51 -1.26 -10.06
CA PRO A 107 -19.37 -1.39 -8.88
C PRO A 107 -19.93 -2.77 -8.58
N GLU A 108 -20.39 -3.47 -9.61
CA GLU A 108 -20.96 -4.80 -9.42
C GLU A 108 -19.93 -5.79 -8.88
N ASP A 109 -18.65 -5.44 -8.98
CA ASP A 109 -17.57 -6.31 -8.51
C ASP A 109 -16.83 -5.73 -7.32
N GLN A 110 -17.24 -4.53 -6.89
CA GLN A 110 -16.56 -3.86 -5.79
C GLN A 110 -15.09 -3.82 -6.14
N ALA A 111 -14.81 -3.46 -7.39
CA ALA A 111 -13.44 -3.40 -7.88
C ALA A 111 -13.19 -2.13 -8.70
N VAL A 112 -11.92 -1.89 -8.99
CA VAL A 112 -11.51 -0.74 -9.78
C VAL A 112 -10.41 -1.18 -10.73
N ILE A 113 -10.32 -0.53 -11.89
CA ILE A 113 -9.25 -0.80 -12.85
C ILE A 113 -8.62 0.57 -13.11
N ASN A 114 -7.30 0.64 -12.96
CA ASN A 114 -6.62 1.90 -13.19
C ASN A 114 -5.38 1.76 -14.05
N ARG A 115 -5.11 2.79 -14.83
CA ARG A 115 -3.94 2.84 -15.67
C ARG A 115 -3.40 4.28 -15.61
N TYR A 116 -3.24 4.82 -14.41
N TYR A 116 -3.23 4.77 -14.37
CA TYR A 116 -2.74 6.19 -14.27
CA TYR A 116 -2.73 6.11 -14.12
C TYR A 116 -1.41 6.36 -14.96
C TYR A 116 -1.38 6.40 -14.75
N GLY A 117 -0.51 5.40 -14.78
CA GLY A 117 0.80 5.53 -15.37
C GLY A 117 1.82 6.38 -14.61
N PHE A 118 1.80 6.29 -13.28
CA PHE A 118 2.74 7.04 -12.47
C PHE A 118 2.67 8.56 -12.63
N ASN A 119 1.48 9.13 -12.47
CA ASN A 119 1.37 10.58 -12.52
C ASN A 119 2.03 10.99 -11.20
N SER A 120 3.03 11.88 -11.28
CA SER A 120 3.74 12.28 -10.06
C SER A 120 4.29 13.70 -10.09
N HIS A 121 4.27 14.36 -8.94
CA HIS A 121 4.79 15.72 -8.82
C HIS A 121 6.32 15.69 -8.86
N GLY A 122 6.90 14.50 -8.69
CA GLY A 122 8.33 14.38 -8.72
C GLY A 122 8.97 14.45 -7.34
N LEU A 123 10.21 13.94 -7.25
CA LEU A 123 10.94 13.92 -5.99
C LEU A 123 11.12 15.27 -5.29
N SER A 124 11.52 16.29 -6.05
CA SER A 124 11.75 17.60 -5.45
C SER A 124 10.53 18.19 -4.76
N VAL A 125 9.39 18.16 -5.43
CA VAL A 125 8.17 18.69 -4.85
C VAL A 125 7.77 17.92 -3.59
N VAL A 126 7.77 16.60 -3.68
CA VAL A 126 7.41 15.77 -2.53
C VAL A 126 8.41 15.98 -1.39
N GLU A 127 9.69 16.10 -1.73
CA GLU A 127 10.74 16.30 -0.74
C GLU A 127 10.43 17.51 0.14
N HIS A 128 10.14 18.64 -0.50
CA HIS A 128 9.86 19.86 0.24
C HIS A 128 8.54 19.78 0.98
N ARG A 129 7.58 19.06 0.42
CA ARG A 129 6.27 18.91 1.05
C ARG A 129 6.45 18.13 2.35
N LEU A 130 7.29 17.09 2.33
CA LEU A 130 7.53 16.31 3.53
C LEU A 130 8.42 17.04 4.53
N ARG A 131 9.38 17.82 4.03
CA ARG A 131 10.26 18.56 4.90
C ARG A 131 9.49 19.56 5.75
N ALA A 132 8.40 20.09 5.18
CA ALA A 132 7.58 21.08 5.87
C ALA A 132 6.92 20.52 7.14
N ARG A 133 6.86 19.20 7.24
CA ARG A 133 6.25 18.55 8.39
C ARG A 133 7.14 17.42 8.91
N GLN A 134 8.43 17.49 8.60
CA GLN A 134 9.37 16.45 9.02
C GLN A 134 9.41 16.18 10.52
N GLN A 135 9.43 17.24 11.33
CA GLN A 135 9.49 17.06 12.77
C GLN A 135 8.14 16.57 13.32
N LYS A 136 7.06 17.02 12.70
CA LYS A 136 5.74 16.58 13.16
C LYS A 136 5.64 15.07 12.91
N GLN A 137 6.21 14.62 11.80
CA GLN A 137 6.19 13.20 11.46
C GLN A 137 7.09 12.42 12.40
N ALA A 138 8.20 13.02 12.82
CA ALA A 138 9.11 12.34 13.73
C ALA A 138 8.36 12.00 15.01
N LYS A 139 7.54 12.93 15.49
CA LYS A 139 6.78 12.70 16.71
C LYS A 139 5.67 11.68 16.46
N LEU A 140 5.05 11.75 15.29
CA LEU A 140 3.98 10.80 14.96
C LEU A 140 4.56 9.38 14.93
N THR A 141 5.68 9.21 14.25
CA THR A 141 6.34 7.92 14.17
C THR A 141 6.64 7.40 15.59
N GLU A 142 7.19 8.26 16.44
CA GLU A 142 7.50 7.88 17.81
C GLU A 142 6.23 7.47 18.53
N ASP A 143 5.11 8.08 18.13
CA ASP A 143 3.82 7.80 18.75
C ASP A 143 3.14 6.59 18.12
N GLY A 144 3.86 5.88 17.25
CA GLY A 144 3.30 4.69 16.63
C GLY A 144 2.56 4.88 15.33
N LEU A 145 2.87 5.94 14.59
CA LEU A 145 2.21 6.21 13.31
C LEU A 145 3.27 6.50 12.24
N PRO A 146 3.94 5.44 11.75
CA PRO A 146 4.99 5.51 10.73
C PRO A 146 4.56 5.96 9.33
N LEU A 147 5.55 6.44 8.58
CA LEU A 147 5.35 6.92 7.22
C LEU A 147 6.19 6.12 6.23
N GLY A 148 5.54 5.66 5.16
CA GLY A 148 6.25 4.93 4.14
C GLY A 148 6.25 5.75 2.86
N VAL A 149 7.31 5.62 2.06
CA VAL A 149 7.40 6.34 0.81
C VAL A 149 7.65 5.33 -0.30
N ASN A 150 6.76 5.31 -1.27
CA ASN A 150 6.82 4.37 -2.39
C ASN A 150 7.51 5.02 -3.59
N LEU A 151 8.58 4.39 -4.07
CA LEU A 151 9.35 4.91 -5.19
C LEU A 151 9.06 4.25 -6.53
N GLY A 152 8.93 5.07 -7.57
CA GLY A 152 8.69 4.56 -8.91
C GLY A 152 9.78 5.07 -9.84
N LYS A 153 9.60 4.88 -11.14
CA LYS A 153 10.59 5.33 -12.12
C LYS A 153 9.90 6.09 -13.25
N ASN A 154 10.63 7.02 -13.87
CA ASN A 154 10.07 7.80 -14.97
C ASN A 154 9.90 6.95 -16.22
N LYS A 155 8.85 7.29 -16.98
CA LYS A 155 8.54 6.59 -18.22
C LYS A 155 9.70 6.61 -19.22
N THR A 156 10.39 7.74 -19.32
CA THR A 156 11.49 7.88 -20.26
C THR A 156 12.90 7.60 -19.70
N SER A 157 12.97 7.12 -18.47
CA SER A 157 14.27 6.82 -17.86
C SER A 157 15.05 5.78 -18.64
N VAL A 158 16.35 5.98 -18.76
CA VAL A 158 17.21 5.05 -19.48
C VAL A 158 17.99 4.17 -18.50
N ASP A 159 17.87 4.48 -17.21
CA ASP A 159 18.56 3.74 -16.17
C ASP A 159 17.61 3.56 -14.99
N ALA A 160 16.83 2.47 -15.01
CA ALA A 160 15.86 2.19 -13.96
C ALA A 160 16.45 2.20 -12.55
N ALA A 161 17.59 1.53 -12.38
CA ALA A 161 18.24 1.45 -11.07
C ALA A 161 18.62 2.83 -10.53
N GLU A 162 19.06 3.73 -11.41
CA GLU A 162 19.45 5.05 -10.97
C GLU A 162 18.22 5.85 -10.51
N ASP A 163 17.08 5.61 -11.17
CA ASP A 163 15.84 6.29 -10.78
C ASP A 163 15.51 5.94 -9.34
N TYR A 164 15.61 4.66 -8.99
CA TYR A 164 15.31 4.26 -7.62
C TYR A 164 16.38 4.76 -6.66
N ALA A 165 17.63 4.76 -7.11
CA ALA A 165 18.74 5.24 -6.30
C ALA A 165 18.48 6.70 -5.90
N GLU A 166 18.04 7.50 -6.87
CA GLU A 166 17.73 8.91 -6.62
C GLU A 166 16.63 9.02 -5.56
N GLY A 167 15.60 8.20 -5.71
CA GLY A 167 14.50 8.23 -4.76
C GLY A 167 14.97 7.91 -3.35
N VAL A 168 15.89 6.96 -3.23
CA VAL A 168 16.41 6.57 -1.93
C VAL A 168 17.16 7.74 -1.29
N ARG A 169 18.02 8.39 -2.09
CA ARG A 169 18.79 9.51 -1.57
C ARG A 169 17.96 10.73 -1.22
N VAL A 170 16.95 11.02 -2.02
CA VAL A 170 16.11 12.20 -1.79
C VAL A 170 14.99 12.03 -0.76
N LEU A 171 14.25 10.94 -0.82
CA LEU A 171 13.16 10.74 0.14
C LEU A 171 13.46 9.74 1.26
N GLY A 172 14.51 8.95 1.10
CA GLY A 172 14.87 8.00 2.13
C GLY A 172 15.04 8.66 3.50
N PRO A 173 15.70 9.83 3.56
CA PRO A 173 15.90 10.54 4.84
C PRO A 173 14.61 11.03 5.51
N LEU A 174 13.51 10.97 4.78
CA LEU A 174 12.22 11.45 5.32
C LEU A 174 11.21 10.31 5.54
N ALA A 175 11.62 9.08 5.29
CA ALA A 175 10.73 7.94 5.45
C ALA A 175 11.14 6.92 6.50
N ASP A 176 10.15 6.23 7.06
CA ASP A 176 10.42 5.19 8.04
C ASP A 176 10.74 3.94 7.23
N TYR A 177 10.09 3.81 6.07
CA TYR A 177 10.38 2.70 5.18
C TYR A 177 10.17 3.14 3.74
N LEU A 178 10.96 2.55 2.85
CA LEU A 178 10.88 2.85 1.43
C LEU A 178 10.36 1.62 0.72
N VAL A 179 9.67 1.84 -0.39
CA VAL A 179 9.14 0.73 -1.17
C VAL A 179 9.68 0.81 -2.58
N VAL A 180 10.33 -0.27 -3.02
CA VAL A 180 10.84 -0.33 -4.38
C VAL A 180 9.69 -0.97 -5.14
N ASN A 181 8.94 -0.15 -5.86
CA ASN A 181 7.80 -0.62 -6.62
C ASN A 181 8.18 -1.06 -8.02
N VAL A 182 8.30 -2.37 -8.20
CA VAL A 182 8.64 -2.93 -9.50
C VAL A 182 7.48 -3.81 -9.95
N SER A 183 6.27 -3.48 -9.50
CA SER A 183 5.09 -4.27 -9.84
C SER A 183 3.93 -3.52 -10.47
N SER A 184 4.17 -2.28 -10.91
CA SER A 184 3.10 -1.54 -11.55
C SER A 184 2.85 -2.16 -12.91
N PRO A 185 1.58 -2.44 -13.24
CA PRO A 185 1.28 -3.05 -14.55
C PRO A 185 1.12 -1.99 -15.64
N ASN A 186 1.30 -0.72 -15.27
CA ASN A 186 1.13 0.39 -16.20
C ASN A 186 2.38 1.12 -16.66
N THR A 187 3.54 0.50 -16.48
CA THR A 187 4.79 1.08 -16.92
C THR A 187 5.56 0.00 -17.67
N ALA A 188 5.72 0.20 -18.98
CA ALA A 188 6.40 -0.76 -19.84
C ALA A 188 7.72 -1.26 -19.29
N GLY A 189 7.85 -2.59 -19.21
CA GLY A 189 9.08 -3.20 -18.73
C GLY A 189 9.38 -3.12 -17.25
N LEU A 190 8.52 -2.46 -16.47
CA LEU A 190 8.76 -2.33 -15.04
C LEU A 190 8.76 -3.67 -14.30
N ARG A 191 7.71 -4.45 -14.53
CA ARG A 191 7.59 -5.75 -13.87
C ARG A 191 8.73 -6.71 -14.15
N SER A 192 9.46 -6.47 -15.24
CA SER A 192 10.58 -7.33 -15.60
C SER A 192 11.72 -7.15 -14.60
N LEU A 193 11.64 -6.09 -13.80
CA LEU A 193 12.65 -5.81 -12.79
C LEU A 193 12.49 -6.79 -11.62
N GLN A 194 11.41 -7.57 -11.66
CA GLN A 194 11.15 -8.56 -10.62
C GLN A 194 11.96 -9.83 -10.88
N GLY A 195 12.57 -9.91 -12.06
CA GLY A 195 13.38 -11.07 -12.41
C GLY A 195 14.59 -11.17 -11.50
N LYS A 196 15.03 -12.39 -11.21
CA LYS A 196 16.16 -12.61 -10.30
C LYS A 196 17.43 -11.78 -10.55
N ALA A 197 18.03 -11.93 -11.73
CA ALA A 197 19.25 -11.20 -12.06
C ALA A 197 19.07 -9.68 -12.00
N GLU A 198 18.00 -9.21 -12.61
CA GLU A 198 17.70 -7.78 -12.65
C GLU A 198 17.35 -7.25 -11.26
N LEU A 199 16.60 -8.04 -10.50
CA LEU A 199 16.20 -7.63 -9.16
C LEU A 199 17.40 -7.54 -8.22
N ARG A 200 18.29 -8.54 -8.29
CA ARG A 200 19.47 -8.55 -7.43
C ARG A 200 20.35 -7.33 -7.66
N ARG A 201 20.57 -6.99 -8.93
CA ARG A 201 21.38 -5.83 -9.27
C ARG A 201 20.71 -4.54 -8.78
N LEU A 202 19.42 -4.43 -9.05
CA LEU A 202 18.64 -3.26 -8.64
C LEU A 202 18.67 -3.07 -7.13
N LEU A 203 18.31 -4.12 -6.39
CA LEU A 203 18.25 -4.03 -4.94
C LEU A 203 19.61 -3.86 -4.27
N THR A 204 20.67 -4.37 -4.90
CA THR A 204 22.01 -4.21 -4.33
C THR A 204 22.36 -2.72 -4.34
N LYS A 205 22.03 -2.06 -5.44
CA LYS A 205 22.30 -0.63 -5.58
C LYS A 205 21.43 0.16 -4.60
N VAL A 206 20.15 -0.19 -4.52
CA VAL A 206 19.22 0.48 -3.62
C VAL A 206 19.68 0.37 -2.17
N LEU A 207 20.04 -0.84 -1.75
CA LEU A 207 20.49 -1.06 -0.38
C LEU A 207 21.79 -0.33 -0.08
N GLN A 208 22.68 -0.25 -1.06
CA GLN A 208 23.95 0.45 -0.83
C GLN A 208 23.66 1.93 -0.57
N GLU A 209 22.77 2.51 -1.37
CA GLU A 209 22.43 3.91 -1.21
C GLU A 209 21.76 4.17 0.14
N ARG A 210 20.88 3.26 0.55
CA ARG A 210 20.19 3.40 1.82
C ARG A 210 21.17 3.30 2.99
N ASP A 211 22.11 2.35 2.90
CA ASP A 211 23.10 2.18 3.96
C ASP A 211 24.02 3.39 4.07
N GLY A 212 24.08 4.18 3.00
CA GLY A 212 24.92 5.37 2.99
C GLY A 212 24.29 6.58 3.66
N LEU A 213 23.07 6.44 4.16
CA LEU A 213 22.39 7.55 4.83
C LEU A 213 22.68 7.53 6.34
N ARG A 214 22.62 8.70 6.97
CA ARG A 214 22.86 8.81 8.42
C ARG A 214 21.85 7.92 9.14
N ARG A 215 22.30 7.30 10.25
CA ARG A 215 21.45 6.39 11.02
C ARG A 215 20.03 6.85 11.30
N VAL A 216 19.88 8.07 11.77
CA VAL A 216 18.55 8.61 12.07
C VAL A 216 17.69 8.75 10.83
N HIS A 217 18.32 8.77 9.66
CA HIS A 217 17.62 8.92 8.40
C HIS A 217 17.73 7.69 7.51
N ARG A 218 17.92 6.53 8.14
CA ARG A 218 18.09 5.28 7.41
C ARG A 218 16.80 4.46 7.48
N PRO A 219 16.00 4.46 6.40
CA PRO A 219 14.74 3.71 6.36
C PRO A 219 14.87 2.24 6.02
N ALA A 220 13.86 1.47 6.38
CA ALA A 220 13.84 0.05 6.05
C ALA A 220 13.50 0.04 4.56
N VAL A 221 13.88 -1.01 3.85
CA VAL A 221 13.60 -1.11 2.43
C VAL A 221 12.76 -2.36 2.13
N LEU A 222 11.64 -2.15 1.46
CA LEU A 222 10.77 -3.25 1.10
C LEU A 222 10.57 -3.27 -0.42
N VAL A 223 10.19 -4.42 -0.94
CA VAL A 223 9.93 -4.56 -2.38
C VAL A 223 8.46 -4.89 -2.52
N LYS A 224 7.77 -4.18 -3.42
CA LYS A 224 6.35 -4.44 -3.63
C LYS A 224 6.23 -5.28 -4.90
N ILE A 225 5.61 -6.45 -4.76
CA ILE A 225 5.48 -7.36 -5.89
C ILE A 225 4.07 -7.50 -6.44
N ALA A 226 4.00 -8.03 -7.65
CA ALA A 226 2.73 -8.25 -8.34
C ALA A 226 2.07 -9.56 -7.89
N PRO A 227 0.77 -9.70 -8.16
CA PRO A 227 0.04 -10.91 -7.78
C PRO A 227 0.04 -11.90 -8.95
N ASP A 228 0.68 -11.50 -10.04
CA ASP A 228 0.71 -12.32 -11.25
C ASP A 228 2.02 -13.04 -11.53
N LEU A 229 2.83 -13.25 -10.50
CA LEU A 229 4.12 -13.90 -10.64
C LEU A 229 4.00 -15.41 -10.81
N THR A 230 4.95 -16.01 -11.53
CA THR A 230 4.96 -17.47 -11.70
C THR A 230 5.59 -18.01 -10.43
N SER A 231 5.50 -19.32 -10.21
CA SER A 231 6.09 -19.94 -9.03
C SER A 231 7.59 -19.70 -9.05
N GLN A 232 8.19 -19.75 -10.24
CA GLN A 232 9.62 -19.53 -10.40
C GLN A 232 9.99 -18.11 -9.98
N ASP A 233 9.18 -17.14 -10.40
CA ASP A 233 9.42 -15.74 -10.05
C ASP A 233 9.44 -15.56 -8.53
N LYS A 234 8.45 -16.14 -7.86
CA LYS A 234 8.36 -16.01 -6.41
C LYS A 234 9.55 -16.65 -5.71
N GLU A 235 9.98 -17.81 -6.19
CA GLU A 235 11.13 -18.50 -5.60
C GLU A 235 12.35 -17.61 -5.70
N ASP A 236 12.53 -17.00 -6.88
CA ASP A 236 13.67 -16.12 -7.13
C ASP A 236 13.66 -14.88 -6.26
N ILE A 237 12.49 -14.28 -6.07
CA ILE A 237 12.38 -13.08 -5.25
C ILE A 237 12.72 -13.43 -3.81
N ALA A 238 12.20 -14.55 -3.33
CA ALA A 238 12.46 -15.00 -1.96
C ALA A 238 13.96 -15.19 -1.76
N SER A 239 14.61 -15.79 -2.76
CA SER A 239 16.05 -16.05 -2.70
C SER A 239 16.87 -14.74 -2.63
N VAL A 240 16.55 -13.80 -3.51
CA VAL A 240 17.26 -12.52 -3.53
C VAL A 240 17.01 -11.76 -2.23
N VAL A 241 15.77 -11.79 -1.75
CA VAL A 241 15.40 -11.10 -0.51
C VAL A 241 16.24 -11.59 0.66
N LYS A 242 16.42 -12.90 0.77
CA LYS A 242 17.22 -13.45 1.86
C LYS A 242 18.71 -13.23 1.63
N GLU A 243 19.12 -13.28 0.38
CA GLU A 243 20.53 -13.09 0.03
C GLU A 243 21.01 -11.67 0.37
N LEU A 244 20.18 -10.68 0.07
CA LEU A 244 20.55 -9.28 0.29
C LEU A 244 20.13 -8.69 1.63
N GLY A 245 19.25 -9.37 2.35
CA GLY A 245 18.81 -8.86 3.62
C GLY A 245 17.73 -7.80 3.49
N ILE A 246 16.92 -7.90 2.44
CA ILE A 246 15.83 -6.95 2.22
C ILE A 246 14.96 -6.99 3.48
N ASP A 247 14.53 -5.82 3.94
CA ASP A 247 13.75 -5.72 5.17
C ASP A 247 12.31 -6.23 5.14
N GLY A 248 11.68 -6.20 3.98
CA GLY A 248 10.30 -6.67 3.92
C GLY A 248 9.73 -6.68 2.52
N LEU A 249 8.50 -7.18 2.42
CA LEU A 249 7.81 -7.25 1.15
C LEU A 249 6.40 -6.71 1.28
N ILE A 250 5.92 -6.02 0.24
CA ILE A 250 4.56 -5.54 0.24
C ILE A 250 3.97 -6.46 -0.80
N VAL A 251 3.03 -7.28 -0.36
CA VAL A 251 2.52 -8.27 -1.25
C VAL A 251 1.21 -8.01 -1.93
N THR A 252 1.40 -7.82 -3.23
CA THR A 252 0.41 -7.58 -4.25
C THR A 252 -0.04 -6.18 -4.56
N ASN A 253 0.42 -5.80 -5.74
CA ASN A 253 0.06 -4.56 -6.36
C ASN A 253 -1.21 -5.07 -7.03
N THR A 254 -1.71 -4.34 -8.01
CA THR A 254 -2.92 -4.74 -8.73
C THR A 254 -2.63 -5.88 -9.72
N THR A 255 -3.69 -6.55 -10.19
CA THR A 255 -3.51 -7.67 -11.13
C THR A 255 -3.90 -7.33 -12.58
N VAL A 256 -3.18 -7.91 -13.53
CA VAL A 256 -3.50 -7.70 -14.94
C VAL A 256 -4.42 -8.82 -15.39
N SER A 257 -4.72 -9.74 -14.46
CA SER A 257 -5.61 -10.84 -14.79
C SER A 257 -7.04 -10.32 -14.70
N ARG A 258 -7.97 -11.05 -15.32
CA ARG A 258 -9.37 -10.68 -15.27
C ARG A 258 -10.08 -11.98 -14.91
N PRO A 259 -10.21 -12.25 -13.61
CA PRO A 259 -10.85 -13.45 -13.09
C PRO A 259 -12.22 -13.66 -13.72
N ALA A 260 -12.58 -14.91 -13.97
CA ALA A 260 -13.88 -15.20 -14.54
C ALA A 260 -14.90 -14.72 -13.50
N GLY A 261 -16.02 -14.19 -13.98
CA GLY A 261 -17.03 -13.74 -13.03
C GLY A 261 -17.20 -12.23 -12.92
N LEU A 262 -16.25 -11.46 -13.42
CA LEU A 262 -16.36 -10.00 -13.36
C LEU A 262 -17.62 -9.59 -14.12
N GLN A 263 -18.42 -8.72 -13.50
CA GLN A 263 -19.66 -8.25 -14.11
C GLN A 263 -19.62 -6.81 -14.62
N GLY A 264 -18.70 -6.03 -14.08
CA GLY A 264 -18.59 -4.64 -14.48
C GLY A 264 -18.51 -4.46 -15.99
N ALA A 265 -19.21 -3.47 -16.52
CA ALA A 265 -19.20 -3.22 -17.96
C ALA A 265 -17.80 -2.87 -18.43
N LEU A 266 -17.00 -2.30 -17.53
CA LEU A 266 -15.64 -1.87 -17.87
C LEU A 266 -14.55 -2.88 -17.51
N ARG A 267 -14.93 -4.15 -17.35
CA ARG A 267 -13.98 -5.20 -16.99
C ARG A 267 -12.84 -5.40 -17.97
N SER A 268 -13.04 -5.03 -19.23
CA SER A 268 -12.00 -5.21 -20.24
C SER A 268 -11.11 -4.00 -20.52
N GLU A 269 -11.17 -3.01 -19.64
CA GLU A 269 -10.32 -1.83 -19.77
C GLU A 269 -8.91 -2.28 -19.40
N THR A 270 -7.91 -1.69 -20.04
CA THR A 270 -6.53 -2.02 -19.74
C THR A 270 -6.15 -1.40 -18.40
N GLY A 271 -5.36 -2.14 -17.61
CA GLY A 271 -4.94 -1.61 -16.33
C GLY A 271 -4.86 -2.64 -15.23
N GLY A 272 -4.58 -2.18 -14.02
CA GLY A 272 -4.50 -3.07 -12.88
C GLY A 272 -5.83 -3.14 -12.16
N LEU A 273 -6.28 -4.36 -11.88
CA LEU A 273 -7.53 -4.60 -11.19
C LEU A 273 -7.29 -4.68 -9.67
N SER A 274 -8.13 -3.98 -8.92
CA SER A 274 -8.02 -3.96 -7.47
C SER A 274 -9.39 -4.26 -6.84
N GLY A 275 -9.43 -4.42 -5.53
CA GLY A 275 -10.70 -4.70 -4.88
C GLY A 275 -10.98 -6.16 -4.59
N LYS A 276 -12.24 -6.48 -4.33
CA LYS A 276 -12.62 -7.86 -3.99
C LYS A 276 -12.10 -8.96 -4.91
N PRO A 277 -12.17 -8.77 -6.24
CA PRO A 277 -11.68 -9.82 -7.15
C PRO A 277 -10.20 -10.15 -6.98
N LEU A 278 -9.45 -9.23 -6.36
CA LEU A 278 -8.03 -9.42 -6.14
C LEU A 278 -7.72 -10.00 -4.76
N ARG A 279 -8.65 -9.87 -3.82
CA ARG A 279 -8.42 -10.31 -2.45
C ARG A 279 -7.72 -11.65 -2.21
N ASP A 280 -8.33 -12.75 -2.63
CA ASP A 280 -7.74 -14.05 -2.37
C ASP A 280 -6.48 -14.36 -3.17
N LEU A 281 -6.34 -13.78 -4.35
CA LEU A 281 -5.13 -13.98 -5.14
C LEU A 281 -3.97 -13.38 -4.34
N SER A 282 -4.21 -12.21 -3.75
CA SER A 282 -3.19 -11.55 -2.96
C SER A 282 -2.90 -12.32 -1.66
N THR A 283 -3.95 -12.80 -1.01
CA THR A 283 -3.77 -13.56 0.22
C THR A 283 -2.92 -14.81 -0.03
N GLN A 284 -3.19 -15.50 -1.14
CA GLN A 284 -2.42 -16.70 -1.48
C GLN A 284 -0.96 -16.35 -1.79
N THR A 285 -0.73 -15.17 -2.36
CA THR A 285 0.64 -14.75 -2.69
C THR A 285 1.38 -14.47 -1.37
N ILE A 286 0.68 -13.86 -0.42
CA ILE A 286 1.26 -13.57 0.89
C ILE A 286 1.63 -14.89 1.55
N ARG A 287 0.71 -15.84 1.48
CA ARG A 287 0.91 -17.16 2.08
C ARG A 287 2.17 -17.82 1.52
N GLU A 288 2.32 -17.77 0.20
CA GLU A 288 3.48 -18.36 -0.45
C GLU A 288 4.80 -17.67 -0.07
N MET A 289 4.83 -16.33 -0.13
CA MET A 289 6.05 -15.60 0.18
C MET A 289 6.47 -15.80 1.63
N TYR A 290 5.48 -15.93 2.52
CA TYR A 290 5.77 -16.13 3.94
C TYR A 290 6.51 -17.47 4.11
N ALA A 291 5.99 -18.51 3.46
CA ALA A 291 6.60 -19.83 3.53
C ALA A 291 7.98 -19.85 2.87
N LEU A 292 8.10 -19.23 1.70
CA LEU A 292 9.38 -19.19 1.00
C LEU A 292 10.47 -18.46 1.80
N THR A 293 10.06 -17.51 2.64
CA THR A 293 11.02 -16.75 3.45
C THR A 293 11.09 -17.22 4.90
N GLN A 294 10.50 -18.38 5.18
CA GLN A 294 10.50 -18.96 6.52
C GLN A 294 9.91 -18.07 7.60
N GLY A 295 9.01 -17.17 7.19
CA GLY A 295 8.39 -16.28 8.15
C GLY A 295 9.35 -15.29 8.80
N ARG A 296 10.54 -15.16 8.22
CA ARG A 296 11.55 -14.26 8.76
C ARG A 296 11.57 -12.89 8.09
N VAL A 297 10.72 -12.70 7.08
CA VAL A 297 10.66 -11.43 6.37
C VAL A 297 9.28 -10.78 6.51
N PRO A 298 9.22 -9.64 7.20
CA PRO A 298 7.95 -8.92 7.40
C PRO A 298 7.21 -8.69 6.09
N ILE A 299 5.90 -8.93 6.11
CA ILE A 299 5.08 -8.75 4.93
C ILE A 299 3.90 -7.82 5.20
N ILE A 300 3.73 -6.84 4.31
CA ILE A 300 2.60 -5.93 4.41
C ILE A 300 1.63 -6.50 3.38
N GLY A 301 0.48 -6.98 3.84
CA GLY A 301 -0.49 -7.57 2.94
C GLY A 301 -1.50 -6.57 2.43
N VAL A 302 -1.73 -6.57 1.13
CA VAL A 302 -2.66 -5.62 0.54
C VAL A 302 -3.35 -6.23 -0.69
N GLY A 303 -4.63 -5.90 -0.84
CA GLY A 303 -5.40 -6.40 -1.95
C GLY A 303 -6.77 -6.88 -1.52
N GLY A 304 -7.79 -6.10 -1.82
CA GLY A 304 -9.16 -6.46 -1.49
C GLY A 304 -9.56 -6.50 -0.02
N VAL A 305 -8.87 -5.77 0.84
CA VAL A 305 -9.24 -5.77 2.25
C VAL A 305 -10.34 -4.74 2.48
N SER A 306 -11.50 -5.19 2.97
CA SER A 306 -12.61 -4.28 3.23
C SER A 306 -13.31 -4.61 4.54
N SER A 307 -12.79 -5.62 5.26
CA SER A 307 -13.39 -6.03 6.52
C SER A 307 -12.36 -6.61 7.48
N GLY A 308 -12.77 -6.83 8.71
CA GLY A 308 -11.88 -7.40 9.70
C GLY A 308 -11.45 -8.81 9.27
N GLN A 309 -12.38 -9.56 8.71
CA GLN A 309 -12.07 -10.91 8.26
C GLN A 309 -11.00 -10.88 7.17
N ASP A 310 -11.15 -9.96 6.21
CA ASP A 310 -10.18 -9.86 5.12
C ASP A 310 -8.79 -9.59 5.71
N ALA A 311 -8.73 -8.67 6.67
CA ALA A 311 -7.47 -8.33 7.29
C ALA A 311 -6.87 -9.51 8.03
N LEU A 312 -7.67 -10.17 8.87
CA LEU A 312 -7.19 -11.31 9.63
C LEU A 312 -6.74 -12.47 8.73
N GLU A 313 -7.41 -12.67 7.60
CA GLU A 313 -7.00 -13.76 6.73
C GLU A 313 -5.59 -13.51 6.20
N LYS A 314 -5.28 -12.26 5.89
CA LYS A 314 -3.96 -11.94 5.39
C LYS A 314 -2.92 -12.03 6.52
N ILE A 315 -3.32 -11.62 7.71
CA ILE A 315 -2.41 -11.70 8.86
C ILE A 315 -2.11 -13.17 9.16
N ARG A 316 -3.13 -14.00 9.23
CA ARG A 316 -2.93 -15.43 9.49
C ARG A 316 -2.13 -16.10 8.37
N ALA A 317 -2.19 -15.52 7.17
CA ALA A 317 -1.45 -16.05 6.02
C ALA A 317 0.02 -15.63 6.10
N GLY A 318 0.32 -14.66 6.96
CA GLY A 318 1.71 -14.22 7.10
C GLY A 318 1.98 -12.73 7.13
N ALA A 319 0.96 -11.91 6.93
CA ALA A 319 1.17 -10.46 6.95
C ALA A 319 1.28 -9.91 8.36
N SER A 320 2.24 -9.00 8.59
CA SER A 320 2.41 -8.37 9.90
C SER A 320 1.56 -7.10 9.93
N LEU A 321 1.29 -6.57 8.75
CA LEU A 321 0.49 -5.36 8.58
C LEU A 321 -0.31 -5.53 7.29
N VAL A 322 -1.37 -4.73 7.15
CA VAL A 322 -2.18 -4.77 5.94
C VAL A 322 -2.47 -3.34 5.50
N GLN A 323 -2.88 -3.19 4.24
CA GLN A 323 -3.23 -1.88 3.70
C GLN A 323 -4.49 -2.06 2.87
N LEU A 324 -5.16 -0.95 2.59
CA LEU A 324 -6.35 -0.97 1.76
C LEU A 324 -6.43 0.34 1.01
N TYR A 325 -7.14 0.32 -0.12
CA TYR A 325 -7.34 1.52 -0.90
C TYR A 325 -8.74 1.44 -1.53
N THR A 326 -8.94 0.48 -2.40
CA THR A 326 -10.23 0.33 -3.09
C THR A 326 -11.45 0.34 -2.18
N ALA A 327 -11.34 -0.29 -1.01
CA ALA A 327 -12.46 -0.32 -0.08
C ALA A 327 -12.87 1.10 0.31
N LEU A 328 -11.88 1.97 0.44
CA LEU A 328 -12.12 3.37 0.80
C LEU A 328 -12.89 4.07 -0.31
N THR A 329 -12.59 3.72 -1.56
CA THR A 329 -13.25 4.33 -2.72
C THR A 329 -14.74 4.00 -2.79
N PHE A 330 -15.17 2.91 -2.16
CA PHE A 330 -16.58 2.53 -2.19
C PHE A 330 -17.34 2.84 -0.91
N TRP A 331 -16.70 2.60 0.23
CA TRP A 331 -17.35 2.79 1.52
C TRP A 331 -17.02 4.08 2.26
N GLY A 332 -15.98 4.79 1.82
CA GLY A 332 -15.62 6.03 2.48
C GLY A 332 -14.85 5.84 3.78
N PRO A 333 -14.47 6.94 4.44
CA PRO A 333 -13.71 6.97 5.70
C PRO A 333 -14.15 5.99 6.80
N PRO A 334 -15.46 5.79 6.99
CA PRO A 334 -15.90 4.87 8.05
C PRO A 334 -15.36 3.44 7.91
N VAL A 335 -14.94 3.05 6.72
CA VAL A 335 -14.43 1.70 6.51
C VAL A 335 -13.17 1.41 7.34
N VAL A 336 -12.38 2.44 7.64
CA VAL A 336 -11.16 2.23 8.43
C VAL A 336 -11.51 1.75 9.83
N GLY A 337 -12.40 2.47 10.49
CA GLY A 337 -12.81 2.09 11.83
C GLY A 337 -13.50 0.75 11.83
N LYS A 338 -14.25 0.46 10.78
CA LYS A 338 -14.96 -0.81 10.67
C LYS A 338 -13.99 -1.99 10.67
N VAL A 339 -12.98 -1.91 9.81
CA VAL A 339 -11.98 -2.96 9.70
C VAL A 339 -11.28 -3.19 11.04
N LYS A 340 -10.86 -2.11 11.69
CA LYS A 340 -10.18 -2.25 12.97
C LYS A 340 -11.08 -2.87 14.03
N ARG A 341 -12.32 -2.41 14.12
CA ARG A 341 -13.26 -2.94 15.10
C ARG A 341 -13.52 -4.42 14.86
N GLU A 342 -13.78 -4.79 13.61
CA GLU A 342 -14.05 -6.19 13.28
C GLU A 342 -12.81 -7.07 13.51
N LEU A 343 -11.63 -6.54 13.22
CA LEU A 343 -10.40 -7.29 13.42
C LEU A 343 -10.19 -7.57 14.90
N GLU A 344 -10.40 -6.55 15.73
CA GLU A 344 -10.23 -6.71 17.17
C GLU A 344 -11.16 -7.80 17.69
N ALA A 345 -12.43 -7.74 17.27
CA ALA A 345 -13.42 -8.72 17.70
C ALA A 345 -13.04 -10.15 17.29
N LEU A 346 -12.59 -10.31 16.05
CA LEU A 346 -12.19 -11.63 15.55
C LEU A 346 -10.98 -12.19 16.28
N LEU A 347 -10.02 -11.33 16.58
CA LEU A 347 -8.82 -11.78 17.30
C LEU A 347 -9.23 -12.39 18.64
N LYS A 348 -10.10 -11.70 19.36
CA LYS A 348 -10.57 -12.17 20.65
C LYS A 348 -11.34 -13.48 20.47
N GLU A 349 -12.24 -13.46 19.49
CA GLU A 349 -13.06 -14.62 19.18
C GLU A 349 -12.24 -15.86 18.87
N GLN A 350 -11.09 -15.68 18.24
CA GLN A 350 -10.23 -16.80 17.88
C GLN A 350 -9.11 -17.09 18.88
N GLY A 351 -9.19 -16.47 20.05
CA GLY A 351 -8.22 -16.71 21.10
C GLY A 351 -6.83 -16.09 20.96
N PHE A 352 -6.69 -15.07 20.12
CA PHE A 352 -5.40 -14.42 19.96
C PHE A 352 -5.25 -13.28 20.95
N GLY A 353 -4.09 -13.21 21.61
CA GLY A 353 -3.85 -12.15 22.57
C GLY A 353 -3.77 -10.81 21.88
N GLY A 354 -3.37 -10.83 20.61
CA GLY A 354 -3.26 -9.62 19.83
C GLY A 354 -2.84 -9.94 18.41
N VAL A 355 -2.70 -8.91 17.58
CA VAL A 355 -2.31 -9.08 16.18
C VAL A 355 -1.01 -9.89 16.03
N THR A 356 -0.01 -9.56 16.84
CA THR A 356 1.27 -10.24 16.76
C THR A 356 1.15 -11.76 16.87
N ASP A 357 0.25 -12.20 17.74
CA ASP A 357 0.03 -13.63 17.95
C ASP A 357 -0.57 -14.33 16.73
N ALA A 358 -1.31 -13.58 15.93
CA ALA A 358 -1.98 -14.15 14.75
C ALA A 358 -1.13 -14.19 13.48
N ILE A 359 -0.05 -13.42 13.44
CA ILE A 359 0.80 -13.39 12.25
C ILE A 359 1.31 -14.77 11.86
N GLY A 360 0.91 -15.23 10.67
CA GLY A 360 1.33 -16.53 10.17
C GLY A 360 0.69 -17.74 10.85
N ALA A 361 -0.34 -17.50 11.65
CA ALA A 361 -1.04 -18.57 12.37
C ALA A 361 -1.43 -19.78 11.52
N ASP A 362 -1.87 -19.56 10.29
CA ASP A 362 -2.27 -20.66 9.42
C ASP A 362 -1.15 -21.66 9.17
N HIS A 363 0.08 -21.16 9.10
CA HIS A 363 1.24 -22.02 8.83
C HIS A 363 1.59 -22.94 9.99
N ARG A 364 1.07 -22.63 11.17
CA ARG A 364 1.38 -23.42 12.37
C ARG A 364 0.27 -24.40 12.76
N ARG A 365 -0.83 -24.40 12.01
CA ARG A 365 -1.94 -25.30 12.33
C ARG A 365 -1.85 -26.59 11.53
N1 FMN B . 0.52 0.92 -5.87
C2 FMN B . 1.83 1.42 -5.85
O2 FMN B . 2.75 0.80 -5.40
N3 FMN B . 2.00 2.72 -6.43
C4 FMN B . 1.01 3.53 -6.98
O4 FMN B . 1.29 4.64 -7.44
C4A FMN B . -0.34 2.99 -6.99
N5 FMN B . -1.36 3.70 -7.50
C5A FMN B . -2.63 3.16 -7.48
C6 FMN B . -3.72 3.88 -7.99
C7 FMN B . -5.04 3.35 -7.95
C7M FMN B . -6.15 4.25 -8.54
C8 FMN B . -5.31 2.06 -7.38
C8M FMN B . -6.72 1.46 -7.31
C9 FMN B . -4.24 1.34 -6.89
C9A FMN B . -2.90 1.85 -6.91
N10 FMN B . -1.79 1.13 -6.38
C10 FMN B . -0.50 1.63 -6.39
C1' FMN B . -2.01 -0.22 -5.81
C2' FMN B . -2.47 -0.25 -4.35
O2' FMN B . -1.41 0.30 -3.52
C3' FMN B . -2.72 -1.72 -3.89
O3' FMN B . -1.49 -2.53 -4.05
C4' FMN B . -3.83 -2.43 -4.70
O4' FMN B . -4.82 -1.49 -5.19
C5' FMN B . -4.53 -3.52 -3.88
O5' FMN B . -5.22 -2.95 -2.76
P FMN B . -6.79 -2.60 -2.78
O1P FMN B . -6.99 -1.36 -3.61
O2P FMN B . -7.12 -2.43 -1.32
O3P FMN B . -7.53 -3.81 -3.38
N1 ORO C . -1.34 1.63 -10.81
C2 ORO C . -1.35 0.46 -10.06
O2 ORO C . -2.34 -0.24 -9.95
N3 ORO C . -0.11 0.14 -9.41
C4 ORO C . 1.08 0.89 -9.49
O4 ORO C . 2.11 0.52 -8.89
C5 ORO C . 1.00 2.11 -10.30
C6 ORO C . -0.18 2.40 -10.90
C7 ORO C . -0.23 3.67 -11.76
O71 ORO C . 0.27 4.73 -11.41
O72 ORO C . -0.86 3.39 -12.81
CB VGN D . -11.18 7.61 -4.19
CG VGN D . -11.68 8.24 -2.98
C16 VGN D . -14.11 10.50 0.79
O1 VGN D . -14.16 6.19 -6.98
C22 VGN D . -16.13 12.23 3.62
C9 VGN D . -12.73 8.78 -0.31
C19 VGN D . -15.85 11.40 2.50
C17 VGN D . -14.53 11.35 2.01
C8 VGN D . -14.41 10.05 -1.61
C12 VGN D . -14.72 10.73 -0.45
C18 VGN D . -13.50 12.13 2.63
C6 VGN D . -12.08 7.15 -5.20
C3 VGN D . -13.03 8.37 -2.83
C4 VGN D . -13.46 7.33 -4.98
O2 VGN D . -15.73 7.25 -5.84
C13 VGN D . -13.09 9.49 0.87
C5 VGN D . -14.45 6.85 -6.02
C2 VGN D . -13.95 7.94 -3.79
C21 VGN D . -15.12 12.99 4.23
C23 VGN D . -13.39 9.06 -1.54
C20 VGN D . -13.80 12.95 3.75
N10 VGN D . -11.56 6.52 -6.45
C1 VGN D . -9.82 5.60 -8.11
C14 VGN D . -10.16 6.28 -6.78
O15 VGN D . -9.11 6.68 -5.90
N1 DDQ E . -17.33 16.83 9.24
O1 DDQ E . -17.18 15.80 9.89
CM1 DDQ E . -17.97 17.84 10.08
CM2 DDQ E . -16.11 17.49 8.96
C1 DDQ E . -18.27 16.67 8.10
C2 DDQ E . -17.81 15.68 7.01
C3 DDQ E . -17.93 16.32 5.65
C4 DDQ E . -18.18 15.35 4.76
C5 DDQ E . -17.85 15.75 3.33
C6 DDQ E . -18.67 14.96 2.54
C7 DDQ E . -18.66 15.04 1.15
C8 DDQ E . -17.81 13.94 0.47
C9 DDQ E . -16.85 14.77 -0.36
C10 DDQ E . -15.41 14.47 0.03
C ACT F . -7.06 -18.57 0.52
O ACT F . -7.54 -19.75 0.76
OXT ACT F . -6.07 -18.00 1.13
CH3 ACT F . -7.64 -17.70 -0.54
S SO4 G . 20.92 14.04 11.82
O1 SO4 G . 20.83 13.24 13.22
O2 SO4 G . 21.38 13.06 10.85
O3 SO4 G . 19.74 14.55 11.51
O4 SO4 G . 21.96 15.00 12.05
#